data_6YNR
#
_entry.id   6YNR
#
_cell.length_a   72.406
_cell.length_b   74.264
_cell.length_c   80.225
_cell.angle_alpha   90.000
_cell.angle_beta   90.000
_cell.angle_gamma   90.000
#
_symmetry.space_group_name_H-M   'P 21 21 21'
#
loop_
_entity.id
_entity.type
_entity.pdbx_description
1 polymer 'cAMP-dependent protein kinase catalytic subunit alpha'
2 polymer 'cAMP-dependent protein kinase inhibitor alpha'
3 non-polymer (4S)-2-METHYL-2,4-PENTANEDIOL
4 non-polymer 'DIMETHYL SULFOXIDE'
5 non-polymer 1,7-naphthyridin-8-amine
6 water water
#
loop_
_entity_poly.entity_id
_entity_poly.type
_entity_poly.pdbx_seq_one_letter_code
_entity_poly.pdbx_strand_id
1 'polypeptide(L)'
;GHMGNAAAAKKG(SEP)EQESVKEFLAKAKEEFLKKWESPSQNTAQLDHFDRIKTLGTGSFGRVMLVKHKETGNHYAMKI
LDKQKVVKLKQIEHTLNEKRILQAVNFPFLVKLEFSFKDNSNLYMVMEYVPGGEMFSHLRRIGRFSEPHARFYAAQIVLT
FEYLHSLDLIYRDLKPENLLIDQQGYIQVTDFGFAKRVKGRTW(TPO)LCGTPEYLAPEIILSKGYNKAVDWWALGVLIY
EMAAGYPPFFADQPIQIYEKIVSGKVRFPSHFSSDLKDLLRNLLQVDLTKRFGNLKNGVNDIKNHKWFATTDWIAIYQRK
VEAPFIPKFKGPGDTSNFDDYEEEEIRV(SEP)INEKCGKEFTEF
;
A
2 'polypeptide(L)' TTYADFIASGRTGRRNAIHD B
#
loop_
_chem_comp.id
_chem_comp.type
_chem_comp.name
_chem_comp.formula
DMS non-polymer 'DIMETHYL SULFOXIDE' 'C2 H6 O S'
MPD non-polymer (4S)-2-METHYL-2,4-PENTANEDIOL 'C6 H14 O2'
O72 non-polymer 1,7-naphthyridin-8-amine 'C8 H7 N3'
#
# COMPACT_ATOMS: atom_id res chain seq x y z
N SEP A 13 -13.14 0.85 27.66
CA SEP A 13 -14.25 0.30 26.89
CB SEP A 13 -15.57 0.97 27.28
OG SEP A 13 -15.54 2.35 26.94
C SEP A 13 -14.03 0.44 25.38
O SEP A 13 -14.37 -0.46 24.61
P SEP A 13 -17.01 3.01 26.76
O1P SEP A 13 -16.80 4.57 26.46
O2P SEP A 13 -17.87 2.77 28.10
O3P SEP A 13 -17.77 2.32 25.50
N GLU A 14 -13.50 1.59 24.95
CA GLU A 14 -13.21 1.78 23.52
C GLU A 14 -12.26 0.71 23.05
N GLN A 15 -11.23 0.46 23.87
CA GLN A 15 -10.24 -0.56 23.53
C GLN A 15 -10.84 -1.96 23.49
N GLU A 16 -11.82 -2.24 24.36
CA GLU A 16 -12.45 -3.56 24.31
C GLU A 16 -13.31 -3.72 23.05
N SER A 17 -13.99 -2.66 22.63
CA SER A 17 -14.73 -2.70 21.37
C SER A 17 -13.81 -2.99 20.20
N VAL A 18 -12.68 -2.27 20.12
CA VAL A 18 -11.69 -2.57 19.09
C VAL A 18 -11.29 -4.04 19.16
N LYS A 19 -11.00 -4.54 20.36
CA LYS A 19 -10.64 -5.94 20.52
C LYS A 19 -11.70 -6.87 19.95
N GLU A 20 -12.97 -6.63 20.32
CA GLU A 20 -14.06 -7.49 19.84
C GLU A 20 -14.22 -7.36 18.34
N PHE A 21 -14.10 -6.14 17.79
CA PHE A 21 -14.18 -5.97 16.34
C PHE A 21 -13.10 -6.79 15.63
N LEU A 22 -11.86 -6.69 16.10
CA LEU A 22 -10.78 -7.41 15.42
C LEU A 22 -10.92 -8.91 15.57
N ALA A 23 -11.45 -9.39 16.70
CA ALA A 23 -11.68 -10.82 16.88
C ALA A 23 -12.66 -11.35 15.85
N LYS A 24 -13.79 -10.66 15.66
CA LYS A 24 -14.75 -11.09 14.64
C LYS A 24 -14.16 -10.95 13.22
N ALA A 25 -13.38 -9.90 12.99
CA ALA A 25 -12.74 -9.73 11.69
C ALA A 25 -11.78 -10.88 11.40
N LYS A 26 -11.03 -11.33 12.41
CA LYS A 26 -10.12 -12.46 12.20
C LYS A 26 -10.87 -13.75 11.91
N GLU A 27 -12.01 -13.98 12.56
CA GLU A 27 -12.78 -15.18 12.26
C GLU A 27 -13.19 -15.20 10.79
N GLU A 28 -13.68 -14.06 10.28
CA GLU A 28 -14.04 -13.99 8.87
C GLU A 28 -12.82 -14.15 7.95
N PHE A 29 -11.71 -13.50 8.32
CA PHE A 29 -10.51 -13.57 7.49
C PHE A 29 -10.01 -15.01 7.37
N LEU A 30 -9.93 -15.72 8.49
CA LEU A 30 -9.35 -17.06 8.47
C LEU A 30 -10.19 -18.03 7.65
N LYS A 31 -11.52 -17.86 7.67
CA LYS A 31 -12.38 -18.70 6.84
C LYS A 31 -11.98 -18.59 5.37
N LYS A 32 -11.72 -17.37 4.90
CA LYS A 32 -11.32 -17.18 3.51
C LYS A 32 -9.85 -17.51 3.30
N TRP A 33 -9.02 -17.27 4.31
CA TRP A 33 -7.60 -17.64 4.25
C TRP A 33 -7.44 -19.14 4.02
N GLU A 34 -8.20 -19.95 4.74
CA GLU A 34 -8.09 -21.41 4.64
C GLU A 34 -8.81 -21.97 3.41
N SER A 35 -9.78 -21.25 2.86
CA SER A 35 -10.56 -21.73 1.69
C SER A 35 -10.65 -20.62 0.65
N PRO A 36 -9.54 -20.33 -0.04
CA PRO A 36 -9.51 -19.17 -0.93
C PRO A 36 -10.41 -19.36 -2.15
N SER A 37 -10.97 -18.24 -2.62
CA SER A 37 -11.68 -18.26 -3.90
C SER A 37 -10.67 -18.43 -5.03
N GLN A 38 -11.14 -19.05 -6.11
CA GLN A 38 -10.33 -19.36 -7.28
C GLN A 38 -11.21 -19.30 -8.51
N ASN A 39 -10.63 -18.82 -9.61
CA ASN A 39 -11.21 -18.98 -10.95
C ASN A 39 -12.64 -18.43 -11.02
N THR A 40 -12.78 -17.16 -10.66
CA THR A 40 -14.10 -16.58 -10.52
C THR A 40 -14.51 -15.71 -11.70
N ALA A 41 -13.67 -15.62 -12.73
CA ALA A 41 -14.08 -15.01 -14.00
C ALA A 41 -13.16 -15.56 -15.08
N GLN A 42 -13.28 -14.99 -16.29
CA GLN A 42 -12.38 -15.29 -17.39
C GLN A 42 -12.16 -14.01 -18.19
N LEU A 43 -11.13 -14.02 -19.03
CA LEU A 43 -10.67 -12.78 -19.64
C LEU A 43 -11.74 -12.13 -20.52
N ASP A 44 -12.44 -12.94 -21.31
CA ASP A 44 -13.41 -12.36 -22.23
C ASP A 44 -14.70 -11.91 -21.55
N HIS A 45 -14.76 -11.97 -20.21
CA HIS A 45 -15.80 -11.29 -19.46
C HIS A 45 -15.60 -9.79 -19.38
N PHE A 46 -14.46 -9.28 -19.84
CA PHE A 46 -14.08 -7.89 -19.64
C PHE A 46 -13.64 -7.27 -20.96
N ASP A 47 -14.03 -6.02 -21.17
CA ASP A 47 -13.46 -5.20 -22.23
C ASP A 47 -12.31 -4.40 -21.64
N ARG A 48 -11.13 -4.50 -22.25
CA ARG A 48 -9.96 -3.78 -21.77
C ARG A 48 -9.94 -2.38 -22.37
N ILE A 49 -9.78 -1.37 -21.50
CA ILE A 49 -9.91 0.04 -21.89
C ILE A 49 -8.56 0.75 -21.92
N LYS A 50 -7.83 0.75 -20.80
CA LYS A 50 -6.67 1.63 -20.71
C LYS A 50 -5.76 1.18 -19.58
N THR A 51 -4.45 1.33 -19.78
CA THR A 51 -3.49 0.97 -18.75
C THR A 51 -3.46 2.08 -17.70
N LEU A 52 -3.59 1.68 -16.42
CA LEU A 52 -3.61 2.61 -15.29
C LEU A 52 -2.29 2.69 -14.56
N GLY A 53 -1.42 1.70 -14.74
CA GLY A 53 -0.16 1.66 -14.03
C GLY A 53 0.60 0.42 -14.48
N THR A 54 1.91 0.48 -14.31
CA THR A 54 2.78 -0.61 -14.72
C THR A 54 3.61 -1.08 -13.53
N GLY A 55 4.27 -2.21 -13.72
CA GLY A 55 5.07 -2.82 -12.68
C GLY A 55 5.98 -3.86 -13.30
N SER A 56 6.84 -4.45 -12.47
CA SER A 56 7.82 -5.40 -12.99
C SER A 56 7.17 -6.70 -13.45
N PHE A 57 6.06 -7.10 -12.83
CA PHE A 57 5.39 -8.35 -13.20
C PHE A 57 4.41 -8.17 -14.36
N GLY A 58 3.90 -6.95 -14.57
CA GLY A 58 2.96 -6.67 -15.62
C GLY A 58 2.39 -5.26 -15.58
N ARG A 59 1.06 -5.15 -15.61
N ARG A 59 1.06 -5.15 -15.60
CA ARG A 59 0.40 -3.85 -15.66
CA ARG A 59 0.38 -3.87 -15.72
C ARG A 59 -0.97 -3.96 -15.03
C ARG A 59 -0.99 -3.96 -15.07
N VAL A 60 -1.55 -2.81 -14.70
CA VAL A 60 -2.92 -2.72 -14.24
C VAL A 60 -3.73 -1.96 -15.28
N MET A 61 -4.84 -2.55 -15.71
CA MET A 61 -5.67 -1.98 -16.77
C MET A 61 -7.07 -1.65 -16.26
N LEU A 62 -7.59 -0.51 -16.70
CA LEU A 62 -9.02 -0.25 -16.58
C LEU A 62 -9.78 -1.18 -17.51
N VAL A 63 -10.78 -1.88 -16.98
CA VAL A 63 -11.60 -2.80 -17.77
C VAL A 63 -13.06 -2.57 -17.44
N LYS A 64 -13.94 -2.97 -18.37
CA LYS A 64 -15.38 -2.97 -18.12
C LYS A 64 -15.88 -4.41 -18.13
N HIS A 65 -16.54 -4.82 -17.04
CA HIS A 65 -17.17 -6.13 -16.94
C HIS A 65 -18.44 -6.14 -17.78
N LYS A 66 -18.50 -7.01 -18.79
CA LYS A 66 -19.58 -6.93 -19.77
C LYS A 66 -20.95 -7.20 -19.16
N GLU A 67 -21.05 -8.18 -18.25
CA GLU A 67 -22.38 -8.58 -17.77
C GLU A 67 -23.00 -7.55 -16.85
N THR A 68 -22.18 -6.79 -16.12
CA THR A 68 -22.69 -5.77 -15.21
C THR A 68 -22.46 -4.34 -15.68
N GLY A 69 -21.50 -4.12 -16.59
CA GLY A 69 -21.12 -2.76 -16.94
C GLY A 69 -20.29 -2.06 -15.89
N ASN A 70 -19.88 -2.76 -14.84
CA ASN A 70 -19.03 -2.15 -13.82
C ASN A 70 -17.61 -2.00 -14.37
N HIS A 71 -16.93 -0.92 -13.98
CA HIS A 71 -15.51 -0.78 -14.27
C HIS A 71 -14.68 -1.37 -13.14
N TYR A 72 -13.55 -1.96 -13.51
CA TYR A 72 -12.63 -2.56 -12.56
C TYR A 72 -11.19 -2.24 -12.98
N ALA A 73 -10.28 -2.41 -12.05
CA ALA A 73 -8.85 -2.36 -12.33
C ALA A 73 -8.31 -3.78 -12.34
N MET A 74 -7.82 -4.23 -13.49
CA MET A 74 -7.36 -5.59 -13.66
C MET A 74 -5.84 -5.60 -13.66
N LYS A 75 -5.25 -6.22 -12.63
CA LYS A 75 -3.81 -6.37 -12.55
C LYS A 75 -3.41 -7.64 -13.31
N ILE A 76 -2.47 -7.51 -14.24
CA ILE A 76 -2.05 -8.61 -15.11
C ILE A 76 -0.59 -8.93 -14.79
N LEU A 77 -0.32 -10.18 -14.46
CA LEU A 77 1.04 -10.62 -14.17
C LEU A 77 1.43 -11.73 -15.14
N ASP A 78 2.56 -11.54 -15.80
CA ASP A 78 3.15 -12.56 -16.67
C ASP A 78 3.80 -13.63 -15.80
N LYS A 79 3.29 -14.86 -15.85
CA LYS A 79 3.79 -15.92 -14.99
C LYS A 79 5.28 -16.12 -15.17
N GLN A 80 5.76 -16.06 -16.42
CA GLN A 80 7.18 -16.29 -16.68
C GLN A 80 8.03 -15.20 -16.04
N LYS A 81 7.55 -13.95 -16.06
CA LYS A 81 8.30 -12.88 -15.41
C LYS A 81 8.29 -13.03 -13.88
N VAL A 82 7.15 -13.44 -13.32
CA VAL A 82 7.07 -13.70 -11.88
C VAL A 82 8.13 -14.72 -11.47
N VAL A 83 8.26 -15.80 -12.25
CA VAL A 83 9.25 -16.83 -11.95
C VAL A 83 10.66 -16.27 -12.07
N LYS A 84 10.94 -15.54 -13.16
CA LYS A 84 12.28 -15.00 -13.35
C LYS A 84 12.67 -14.08 -12.19
N LEU A 85 11.71 -13.33 -11.65
CA LEU A 85 11.98 -12.41 -10.55
C LEU A 85 11.92 -13.06 -9.19
N LYS A 86 11.73 -14.39 -9.12
CA LYS A 86 11.65 -15.13 -7.85
C LYS A 86 10.53 -14.61 -6.95
N GLN A 87 9.39 -14.27 -7.56
CA GLN A 87 8.26 -13.74 -6.84
C GLN A 87 7.07 -14.70 -6.81
N ILE A 88 7.31 -16.01 -6.98
CA ILE A 88 6.18 -16.94 -7.01
C ILE A 88 5.42 -16.89 -5.68
N GLU A 89 6.12 -17.14 -4.57
CA GLU A 89 5.45 -17.22 -3.29
C GLU A 89 4.86 -15.87 -2.89
N HIS A 90 5.55 -14.77 -3.20
CA HIS A 90 4.99 -13.45 -2.93
C HIS A 90 3.70 -13.22 -3.71
N THR A 91 3.65 -13.70 -4.95
CA THR A 91 2.44 -13.53 -5.75
C THR A 91 1.30 -14.40 -5.22
N LEU A 92 1.62 -15.61 -4.77
CA LEU A 92 0.60 -16.42 -4.12
C LEU A 92 0.15 -15.77 -2.81
N ASN A 93 1.08 -15.20 -2.04
CA ASN A 93 0.71 -14.42 -0.86
C ASN A 93 -0.27 -13.33 -1.20
N GLU A 94 0.08 -12.53 -2.21
CA GLU A 94 -0.69 -11.35 -2.59
C GLU A 94 -2.15 -11.70 -2.85
N LYS A 95 -2.39 -12.72 -3.67
CA LYS A 95 -3.76 -13.04 -4.04
C LYS A 95 -4.50 -13.76 -2.89
N ARG A 96 -3.82 -14.68 -2.20
CA ARG A 96 -4.47 -15.38 -1.10
C ARG A 96 -4.89 -14.39 0.00
N ILE A 97 -4.06 -13.38 0.25
CA ILE A 97 -4.37 -12.40 1.29
C ILE A 97 -5.46 -11.45 0.81
N LEU A 98 -5.33 -10.93 -0.42
CA LEU A 98 -6.27 -9.93 -0.91
C LEU A 98 -7.68 -10.50 -1.00
N GLN A 99 -7.80 -11.77 -1.40
CA GLN A 99 -9.13 -12.36 -1.47
C GLN A 99 -9.73 -12.64 -0.09
N ALA A 100 -8.94 -12.54 0.98
CA ALA A 100 -9.45 -12.86 2.31
C ALA A 100 -9.75 -11.65 3.18
N VAL A 101 -9.20 -10.46 2.86
CA VAL A 101 -9.30 -9.31 3.74
C VAL A 101 -10.56 -8.52 3.42
N ASN A 102 -10.97 -7.66 4.36
CA ASN A 102 -12.19 -6.87 4.23
C ASN A 102 -12.04 -5.69 5.18
N PHE A 103 -11.78 -4.50 4.62
CA PHE A 103 -11.61 -3.29 5.42
C PHE A 103 -11.87 -2.09 4.52
N PRO A 104 -12.39 -0.99 5.06
CA PRO A 104 -12.76 0.15 4.21
C PRO A 104 -11.63 0.70 3.38
N PHE A 105 -10.38 0.58 3.84
CA PHE A 105 -9.28 1.26 3.18
C PHE A 105 -8.38 0.29 2.44
N LEU A 106 -8.87 -0.93 2.22
CA LEU A 106 -8.19 -1.93 1.39
C LEU A 106 -9.02 -2.12 0.13
N VAL A 107 -8.35 -2.07 -1.03
CA VAL A 107 -9.04 -2.28 -2.29
C VAL A 107 -9.68 -3.67 -2.28
N LYS A 108 -10.83 -3.80 -2.92
CA LYS A 108 -11.63 -5.01 -2.87
C LYS A 108 -11.30 -5.87 -4.10
N LEU A 109 -10.87 -7.10 -3.87
CA LEU A 109 -10.67 -8.04 -4.97
C LEU A 109 -12.01 -8.67 -5.35
N GLU A 110 -12.46 -8.45 -6.59
CA GLU A 110 -13.76 -8.92 -7.05
C GLU A 110 -13.67 -10.24 -7.80
N PHE A 111 -12.64 -10.43 -8.63
CA PHE A 111 -12.44 -11.68 -9.36
C PHE A 111 -10.96 -11.97 -9.45
N SER A 112 -10.64 -13.26 -9.60
CA SER A 112 -9.29 -13.65 -9.98
C SER A 112 -9.38 -14.88 -10.86
N PHE A 113 -8.38 -15.04 -11.73
CA PHE A 113 -8.26 -16.20 -12.60
C PHE A 113 -6.88 -16.15 -13.24
N LYS A 114 -6.58 -17.19 -14.02
CA LYS A 114 -5.30 -17.30 -14.73
C LYS A 114 -5.55 -17.96 -16.07
N ASP A 115 -4.60 -17.81 -16.99
CA ASP A 115 -4.66 -18.54 -18.25
C ASP A 115 -3.27 -19.10 -18.53
N ASN A 116 -3.03 -19.54 -19.77
CA ASN A 116 -1.74 -20.15 -20.10
C ASN A 116 -0.57 -19.22 -19.76
N SER A 117 -0.77 -17.91 -19.87
CA SER A 117 0.33 -16.96 -19.76
C SER A 117 0.31 -16.13 -18.49
N ASN A 118 -0.86 -15.71 -18.02
CA ASN A 118 -0.93 -14.62 -17.06
C ASN A 118 -1.77 -14.99 -15.85
N LEU A 119 -1.54 -14.25 -14.78
CA LEU A 119 -2.42 -14.18 -13.62
C LEU A 119 -3.21 -12.88 -13.68
N TYR A 120 -4.47 -12.93 -13.24
CA TYR A 120 -5.32 -11.75 -13.29
C TYR A 120 -5.97 -11.53 -11.93
N MET A 121 -5.84 -10.31 -11.41
CA MET A 121 -6.56 -9.90 -10.20
C MET A 121 -7.41 -8.69 -10.54
N VAL A 122 -8.72 -8.83 -10.40
CA VAL A 122 -9.66 -7.81 -10.82
C VAL A 122 -10.22 -7.14 -9.57
N MET A 123 -9.87 -5.86 -9.39
CA MET A 123 -10.19 -5.08 -8.20
C MET A 123 -11.22 -4.02 -8.53
N GLU A 124 -11.91 -3.55 -7.49
CA GLU A 124 -12.74 -2.35 -7.63
C GLU A 124 -11.89 -1.21 -8.19
N TYR A 125 -12.44 -0.50 -9.18
CA TYR A 125 -11.72 0.62 -9.79
C TYR A 125 -11.77 1.83 -8.86
N VAL A 126 -10.61 2.34 -8.47
CA VAL A 126 -10.54 3.52 -7.61
C VAL A 126 -10.20 4.72 -8.50
N PRO A 127 -11.14 5.63 -8.76
CA PRO A 127 -10.98 6.57 -9.88
C PRO A 127 -10.18 7.82 -9.58
N GLY A 128 -9.85 8.10 -8.31
CA GLY A 128 -9.28 9.40 -8.00
C GLY A 128 -7.79 9.55 -8.17
N GLY A 129 -7.09 8.51 -8.60
CA GLY A 129 -5.66 8.59 -8.86
C GLY A 129 -4.84 8.25 -7.64
N GLU A 130 -3.53 8.10 -7.88
CA GLU A 130 -2.60 7.82 -6.79
C GLU A 130 -2.39 9.05 -5.93
N MET A 131 -2.29 8.84 -4.61
CA MET A 131 -1.88 9.93 -3.73
C MET A 131 -0.57 10.54 -4.22
N PHE A 132 0.33 9.69 -4.71
CA PHE A 132 1.59 10.14 -5.30
C PHE A 132 1.37 11.31 -6.27
N SER A 133 0.39 11.19 -7.17
CA SER A 133 0.17 12.21 -8.18
C SER A 133 -0.29 13.53 -7.56
N HIS A 134 -1.24 13.48 -6.63
CA HIS A 134 -1.73 14.69 -5.98
C HIS A 134 -0.65 15.33 -5.11
N LEU A 135 0.12 14.50 -4.42
CA LEU A 135 1.16 14.99 -3.53
C LEU A 135 2.27 15.70 -4.30
N ARG A 136 2.75 15.08 -5.39
CA ARG A 136 3.79 15.72 -6.18
C ARG A 136 3.28 17.03 -6.78
N ARG A 137 2.04 17.05 -7.26
CA ARG A 137 1.50 18.24 -7.91
C ARG A 137 1.31 19.39 -6.90
N ILE A 138 0.69 19.09 -5.75
CA ILE A 138 0.43 20.17 -4.79
C ILE A 138 1.67 20.53 -3.98
N GLY A 139 2.68 19.67 -3.97
CA GLY A 139 3.87 19.94 -3.22
C GLY A 139 3.86 19.19 -1.90
N ARG A 140 3.05 19.66 -0.96
CA ARG A 140 2.89 18.98 0.32
C ARG A 140 1.45 19.16 0.78
N PHE A 141 1.03 18.28 1.69
CA PHE A 141 -0.26 18.38 2.35
C PHE A 141 -0.10 19.17 3.64
N SER A 142 -1.14 19.90 4.01
CA SER A 142 -1.20 20.47 5.34
C SER A 142 -1.19 19.35 6.38
N GLU A 143 -0.85 19.70 7.62
CA GLU A 143 -0.87 18.67 8.65
C GLU A 143 -2.26 18.08 8.87
N PRO A 144 -3.36 18.86 8.89
CA PRO A 144 -4.68 18.22 9.00
C PRO A 144 -4.97 17.25 7.87
N HIS A 145 -4.61 17.62 6.63
CA HIS A 145 -4.83 16.72 5.50
C HIS A 145 -3.98 15.46 5.62
N ALA A 146 -2.69 15.63 5.96
CA ALA A 146 -1.82 14.47 6.16
C ALA A 146 -2.32 13.61 7.32
N ARG A 147 -2.82 14.25 8.38
CA ARG A 147 -3.36 13.48 9.49
C ARG A 147 -4.56 12.65 9.07
N PHE A 148 -5.41 13.22 8.20
CA PHE A 148 -6.60 12.51 7.72
C PHE A 148 -6.22 11.21 7.00
N TYR A 149 -5.25 11.31 6.09
CA TYR A 149 -4.75 10.12 5.39
C TYR A 149 -4.04 9.18 6.35
N ALA A 150 -3.18 9.73 7.21
CA ALA A 150 -2.40 8.87 8.10
C ALA A 150 -3.29 8.06 9.02
N ALA A 151 -4.39 8.67 9.51
CA ALA A 151 -5.27 7.94 10.42
C ALA A 151 -5.82 6.68 9.76
N GLN A 152 -6.14 6.75 8.46
CA GLN A 152 -6.65 5.59 7.74
C GLN A 152 -5.59 4.49 7.65
N ILE A 153 -4.32 4.87 7.46
CA ILE A 153 -3.25 3.88 7.43
C ILE A 153 -3.07 3.25 8.81
N VAL A 154 -3.17 4.06 9.86
CA VAL A 154 -3.07 3.53 11.22
C VAL A 154 -4.11 2.44 11.45
N LEU A 155 -5.36 2.71 11.06
CA LEU A 155 -6.41 1.71 11.27
C LEU A 155 -6.22 0.50 10.37
N THR A 156 -5.78 0.74 9.14
CA THR A 156 -5.54 -0.37 8.22
C THR A 156 -4.43 -1.29 8.73
N PHE A 157 -3.35 -0.71 9.28
CA PHE A 157 -2.27 -1.53 9.82
C PHE A 157 -2.70 -2.23 11.11
N GLU A 158 -3.49 -1.57 11.95
CA GLU A 158 -4.03 -2.27 13.11
C GLU A 158 -4.83 -3.49 12.68
N TYR A 159 -5.64 -3.34 11.64
CA TYR A 159 -6.38 -4.47 11.07
C TYR A 159 -5.44 -5.55 10.53
N LEU A 160 -4.54 -5.18 9.60
CA LEU A 160 -3.67 -6.17 8.98
C LEU A 160 -2.82 -6.89 10.02
N HIS A 161 -2.21 -6.14 10.95
CA HIS A 161 -1.30 -6.75 11.91
C HIS A 161 -2.03 -7.71 12.84
N SER A 162 -3.27 -7.41 13.19
CA SER A 162 -4.05 -8.31 14.05
C SER A 162 -4.29 -9.65 13.38
N LEU A 163 -4.26 -9.68 12.05
CA LEU A 163 -4.42 -10.89 11.27
C LEU A 163 -3.08 -11.58 11.01
N ASP A 164 -2.03 -11.13 11.67
CA ASP A 164 -0.67 -11.61 11.46
C ASP A 164 -0.13 -11.25 10.08
N LEU A 165 -0.64 -10.17 9.48
CA LEU A 165 -0.18 -9.73 8.17
C LEU A 165 0.74 -8.54 8.30
N ILE A 166 1.85 -8.57 7.56
N ILE A 166 1.83 -8.55 7.52
CA ILE A 166 2.72 -7.41 7.37
CA ILE A 166 2.72 -7.41 7.38
C ILE A 166 2.49 -6.93 5.94
C ILE A 166 2.62 -6.92 5.94
N TYR A 167 2.50 -5.61 5.75
CA TYR A 167 2.19 -5.08 4.43
C TYR A 167 3.43 -4.87 3.57
N ARG A 168 4.43 -4.18 4.09
CA ARG A 168 5.78 -4.08 3.54
C ARG A 168 5.93 -3.29 2.23
N ASP A 169 4.93 -2.55 1.76
CA ASP A 169 5.24 -1.67 0.63
C ASP A 169 4.45 -0.36 0.69
N LEU A 170 4.36 0.22 1.88
CA LEU A 170 3.66 1.50 2.01
C LEU A 170 4.41 2.61 1.27
N LYS A 171 3.69 3.35 0.44
CA LYS A 171 4.19 4.53 -0.25
C LYS A 171 3.02 5.20 -0.95
N PRO A 172 3.14 6.50 -1.25
CA PRO A 172 2.04 7.19 -1.94
C PRO A 172 1.65 6.55 -3.26
N GLU A 173 2.58 5.91 -3.96
CA GLU A 173 2.28 5.24 -5.21
C GLU A 173 1.23 4.16 -5.04
N ASN A 174 1.10 3.58 -3.84
CA ASN A 174 0.21 2.45 -3.57
C ASN A 174 -1.07 2.87 -2.86
N LEU A 175 -1.30 4.15 -2.65
CA LEU A 175 -2.49 4.64 -1.96
C LEU A 175 -3.37 5.36 -2.97
N LEU A 176 -4.54 4.81 -3.25
CA LEU A 176 -5.43 5.44 -4.21
C LEU A 176 -6.51 6.25 -3.50
N ILE A 177 -6.98 7.31 -4.13
CA ILE A 177 -8.02 8.15 -3.56
C ILE A 177 -9.35 7.80 -4.23
N ASP A 178 -10.36 7.46 -3.42
CA ASP A 178 -11.64 7.07 -4.00
C ASP A 178 -12.52 8.31 -4.18
N GLN A 179 -13.74 8.09 -4.68
CA GLN A 179 -14.61 9.21 -5.01
C GLN A 179 -15.08 9.97 -3.77
N GLN A 180 -14.92 9.40 -2.57
CA GLN A 180 -15.20 10.13 -1.34
C GLN A 180 -13.98 10.83 -0.77
N GLY A 181 -12.83 10.73 -1.41
CA GLY A 181 -11.61 11.32 -0.88
C GLY A 181 -10.88 10.47 0.11
N TYR A 182 -11.29 9.22 0.29
CA TYR A 182 -10.65 8.32 1.25
C TYR A 182 -9.65 7.42 0.52
N ILE A 183 -8.78 6.82 1.29
CA ILE A 183 -7.66 6.01 0.78
C ILE A 183 -8.10 4.58 0.57
N GLN A 184 -7.61 3.98 -0.52
CA GLN A 184 -7.66 2.54 -0.75
C GLN A 184 -6.24 2.06 -0.95
N VAL A 185 -5.78 1.15 -0.09
CA VAL A 185 -4.46 0.54 -0.26
C VAL A 185 -4.54 -0.51 -1.36
N THR A 186 -3.62 -0.42 -2.31
CA THR A 186 -3.51 -1.49 -3.29
C THR A 186 -2.11 -2.08 -3.26
N ASP A 187 -1.88 -3.04 -4.14
CA ASP A 187 -0.60 -3.74 -4.26
C ASP A 187 -0.21 -4.45 -2.97
N PHE A 188 -0.61 -5.72 -2.88
CA PHE A 188 -0.22 -6.58 -1.78
C PHE A 188 0.92 -7.52 -2.19
N GLY A 189 1.72 -7.10 -3.18
CA GLY A 189 2.74 -7.98 -3.72
C GLY A 189 3.77 -8.43 -2.70
N PHE A 190 3.98 -7.67 -1.63
CA PHE A 190 4.90 -8.07 -0.57
C PHE A 190 4.20 -8.40 0.75
N ALA A 191 2.87 -8.34 0.78
CA ALA A 191 2.13 -8.70 1.98
C ALA A 191 2.37 -10.16 2.34
N LYS A 192 2.52 -10.43 3.64
CA LYS A 192 2.87 -11.77 4.09
C LYS A 192 2.20 -12.04 5.42
N ARG A 193 1.69 -13.27 5.60
CA ARG A 193 1.12 -13.69 6.88
C ARG A 193 2.20 -14.46 7.63
N VAL A 194 2.57 -13.96 8.80
CA VAL A 194 3.72 -14.53 9.51
C VAL A 194 3.60 -14.22 10.98
N LYS A 195 3.75 -15.24 11.84
CA LYS A 195 3.77 -14.99 13.27
C LYS A 195 5.17 -14.76 13.83
N GLY A 196 6.19 -15.35 13.22
CA GLY A 196 7.55 -15.18 13.68
C GLY A 196 8.17 -13.89 13.17
N ARG A 197 9.49 -13.88 13.08
CA ARG A 197 10.18 -12.86 12.31
C ARG A 197 10.28 -13.32 10.86
N THR A 198 10.60 -12.39 9.98
CA THR A 198 10.88 -12.75 8.60
C THR A 198 12.10 -11.97 8.14
N TRP A 199 12.57 -12.28 6.94
CA TRP A 199 13.92 -11.88 6.54
C TRP A 199 14.06 -11.33 5.14
N TPO A 200 13.00 -11.42 4.32
CA TPO A 200 13.11 -11.06 2.91
CB TPO A 200 11.79 -11.36 2.18
CG2 TPO A 200 11.90 -10.93 0.70
OG1 TPO A 200 11.57 -12.76 2.23
P TPO A 200 10.15 -13.05 2.93
O1P TPO A 200 9.03 -12.61 2.05
O2P TPO A 200 10.06 -14.61 3.24
O3P TPO A 200 10.09 -12.27 4.33
C TPO A 200 13.47 -9.60 2.70
O TPO A 200 12.88 -8.71 3.29
N LEU A 201 14.48 -9.38 1.86
CA LEU A 201 14.79 -8.02 1.45
C LEU A 201 13.75 -7.57 0.42
N CYS A 202 12.81 -6.73 0.84
CA CYS A 202 11.80 -6.23 -0.08
C CYS A 202 11.26 -4.92 0.44
N GLY A 203 10.67 -4.14 -0.46
CA GLY A 203 10.10 -2.85 -0.18
C GLY A 203 10.58 -1.85 -1.22
N THR A 204 10.48 -0.57 -0.88
CA THR A 204 10.95 0.51 -1.74
C THR A 204 12.02 1.32 -0.99
N PRO A 205 13.15 1.66 -1.63
CA PRO A 205 14.30 2.18 -0.87
C PRO A 205 14.00 3.26 0.16
N GLU A 206 13.25 4.30 -0.22
CA GLU A 206 12.99 5.41 0.71
C GLU A 206 12.22 4.95 1.94
N TYR A 207 11.47 3.85 1.86
CA TYR A 207 10.61 3.43 2.94
C TYR A 207 11.16 2.25 3.75
N LEU A 208 12.35 1.74 3.42
CA LEU A 208 12.87 0.55 4.11
C LEU A 208 13.28 0.87 5.54
N ALA A 209 12.84 0.05 6.49
CA ALA A 209 13.32 0.17 7.87
C ALA A 209 14.79 -0.24 7.98
N PRO A 210 15.51 0.30 8.97
CA PRO A 210 16.93 -0.08 9.13
C PRO A 210 17.16 -1.56 9.27
N GLU A 211 16.31 -2.26 10.01
CA GLU A 211 16.53 -3.69 10.23
C GLU A 211 16.38 -4.49 8.93
N ILE A 212 15.62 -3.98 7.96
CA ILE A 212 15.61 -4.62 6.65
C ILE A 212 16.94 -4.42 5.95
N ILE A 213 17.41 -3.17 5.90
CA ILE A 213 18.66 -2.85 5.20
C ILE A 213 19.83 -3.64 5.78
N LEU A 214 19.83 -3.86 7.10
CA LEU A 214 20.94 -4.50 7.79
C LEU A 214 20.83 -6.02 7.84
N SER A 215 19.81 -6.59 7.18
CA SER A 215 19.65 -8.03 7.03
C SER A 215 19.42 -8.71 8.38
N LYS A 216 18.62 -8.09 9.23
CA LYS A 216 18.18 -8.69 10.48
C LYS A 216 16.80 -9.30 10.28
N GLY A 217 16.42 -10.20 11.18
CA GLY A 217 15.02 -10.55 11.27
C GLY A 217 14.19 -9.32 11.58
N TYR A 218 12.96 -9.28 11.04
CA TYR A 218 12.12 -8.13 11.30
C TYR A 218 10.66 -8.57 11.39
N ASN A 219 9.81 -7.66 11.87
CA ASN A 219 8.39 -7.97 12.02
C ASN A 219 7.54 -6.78 11.63
N LYS A 220 6.33 -6.69 12.17
CA LYS A 220 5.38 -5.65 11.78
C LYS A 220 5.91 -4.25 12.05
N ALA A 221 6.92 -4.11 12.91
CA ALA A 221 7.49 -2.80 13.19
C ALA A 221 8.02 -2.11 11.95
N VAL A 222 8.31 -2.85 10.87
CA VAL A 222 8.74 -2.17 9.64
C VAL A 222 7.59 -1.38 9.04
N ASP A 223 6.34 -1.82 9.24
CA ASP A 223 5.21 -1.05 8.71
C ASP A 223 5.07 0.28 9.45
N TRP A 224 5.32 0.29 10.76
CA TRP A 224 5.20 1.54 11.51
C TRP A 224 6.33 2.50 11.16
N TRP A 225 7.55 1.99 10.95
CA TRP A 225 8.61 2.83 10.39
C TRP A 225 8.15 3.48 9.08
N ALA A 226 7.62 2.66 8.16
CA ALA A 226 7.18 3.17 6.86
C ALA A 226 6.07 4.22 7.01
N LEU A 227 5.17 4.02 7.98
CA LEU A 227 4.20 5.07 8.29
C LEU A 227 4.89 6.39 8.63
N GLY A 228 5.97 6.33 9.41
CA GLY A 228 6.72 7.54 9.71
C GLY A 228 7.26 8.21 8.46
N VAL A 229 7.77 7.39 7.51
CA VAL A 229 8.25 7.93 6.25
C VAL A 229 7.11 8.55 5.46
N LEU A 230 5.96 7.88 5.43
CA LEU A 230 4.81 8.39 4.68
C LEU A 230 4.31 9.71 5.25
N ILE A 231 4.11 9.76 6.57
CA ILE A 231 3.62 10.99 7.18
C ILE A 231 4.59 12.12 6.92
N TYR A 232 5.89 11.85 7.07
CA TYR A 232 6.91 12.86 6.77
C TYR A 232 6.76 13.36 5.33
N GLU A 233 6.72 12.43 4.37
CA GLU A 233 6.66 12.84 2.96
C GLU A 233 5.39 13.61 2.66
N MET A 234 4.27 13.20 3.25
CA MET A 234 3.02 13.93 3.02
C MET A 234 3.11 15.36 3.53
N ALA A 235 3.68 15.54 4.73
CA ALA A 235 3.68 16.86 5.35
C ALA A 235 4.83 17.73 4.88
N ALA A 236 5.94 17.13 4.42
CA ALA A 236 7.09 17.89 3.94
C ALA A 236 7.11 18.08 2.43
N GLY A 237 6.57 17.13 1.67
CA GLY A 237 6.66 17.15 0.22
C GLY A 237 7.82 16.37 -0.35
N TYR A 238 8.73 15.91 0.48
CA TYR A 238 9.86 15.06 0.13
C TYR A 238 10.07 14.09 1.27
N PRO A 239 10.67 12.93 1.02
CA PRO A 239 10.82 11.94 2.09
C PRO A 239 11.99 12.30 3.00
N PRO A 240 12.04 11.71 4.20
CA PRO A 240 13.09 12.06 5.16
C PRO A 240 14.49 11.62 4.72
N PHE A 241 14.60 10.63 3.83
CA PHE A 241 15.89 10.14 3.36
C PHE A 241 15.81 10.01 1.84
N PHE A 242 16.55 10.85 1.12
CA PHE A 242 16.58 10.67 -0.33
C PHE A 242 17.95 11.02 -0.86
N ALA A 243 18.26 10.42 -2.01
CA ALA A 243 19.51 10.62 -2.72
C ALA A 243 19.35 9.94 -4.06
N ASP A 244 20.22 10.29 -5.01
CA ASP A 244 20.08 9.75 -6.35
C ASP A 244 20.49 8.28 -6.45
N GLN A 245 21.35 7.80 -5.55
CA GLN A 245 21.77 6.39 -5.52
C GLN A 245 21.15 5.69 -4.32
N PRO A 246 20.49 4.54 -4.51
CA PRO A 246 19.90 3.84 -3.36
C PRO A 246 20.86 3.57 -2.21
N ILE A 247 22.14 3.29 -2.50
CA ILE A 247 23.10 3.03 -1.43
C ILE A 247 23.18 4.21 -0.48
N GLN A 248 23.15 5.43 -1.02
CA GLN A 248 23.23 6.61 -0.17
C GLN A 248 21.95 6.79 0.64
N ILE A 249 20.81 6.36 0.10
CA ILE A 249 19.56 6.37 0.85
C ILE A 249 19.67 5.44 2.06
N TYR A 250 20.21 4.24 1.85
CA TYR A 250 20.34 3.27 2.95
C TYR A 250 21.29 3.79 4.03
N GLU A 251 22.38 4.46 3.62
CA GLU A 251 23.30 5.02 4.60
C GLU A 251 22.61 6.06 5.47
N LYS A 252 21.74 6.90 4.88
CA LYS A 252 20.98 7.86 5.67
C LYS A 252 20.02 7.15 6.62
N ILE A 253 19.36 6.10 6.13
CA ILE A 253 18.33 5.42 6.93
C ILE A 253 18.93 4.83 8.20
N VAL A 254 20.07 4.13 8.05
CA VAL A 254 20.63 3.44 9.21
C VAL A 254 21.41 4.38 10.13
N SER A 255 21.64 5.63 9.69
CA SER A 255 22.54 6.52 10.44
C SER A 255 21.96 6.93 11.79
N GLY A 256 20.64 6.92 11.93
CA GLY A 256 20.01 7.38 13.15
C GLY A 256 19.66 8.85 13.15
N LYS A 257 19.97 9.58 12.09
CA LYS A 257 19.73 11.02 12.01
C LYS A 257 18.53 11.29 11.10
N VAL A 258 17.77 12.33 11.45
CA VAL A 258 16.64 12.80 10.65
C VAL A 258 16.43 14.28 10.97
N ARG A 259 16.15 15.08 9.94
CA ARG A 259 15.85 16.50 10.12
C ARG A 259 14.44 16.78 9.62
N PHE A 260 13.80 17.80 10.21
CA PHE A 260 12.42 18.12 9.92
C PHE A 260 12.30 19.52 9.35
N PRO A 261 11.38 19.76 8.42
CA PRO A 261 11.12 21.13 7.97
C PRO A 261 10.79 22.03 9.16
N SER A 262 11.08 23.32 9.00
CA SER A 262 10.83 24.26 10.08
C SER A 262 9.34 24.51 10.29
N HIS A 263 8.50 24.20 9.31
CA HIS A 263 7.06 24.33 9.51
C HIS A 263 6.42 23.13 10.20
N PHE A 264 7.16 22.04 10.41
CA PHE A 264 6.60 20.89 11.12
C PHE A 264 6.24 21.29 12.55
N SER A 265 5.00 21.00 12.95
CA SER A 265 4.58 21.30 14.30
C SER A 265 5.37 20.48 15.32
N SER A 266 5.35 20.94 16.58
CA SER A 266 6.06 20.25 17.64
C SER A 266 5.53 18.83 17.84
N ASP A 267 4.21 18.67 17.84
CA ASP A 267 3.63 17.32 17.98
C ASP A 267 4.02 16.42 16.82
N LEU A 268 4.06 16.96 15.59
CA LEU A 268 4.39 16.12 14.44
C LEU A 268 5.83 15.61 14.54
N LYS A 269 6.76 16.47 14.95
CA LYS A 269 8.15 16.04 15.07
C LYS A 269 8.30 14.98 16.16
N ASP A 270 7.57 15.12 17.28
CA ASP A 270 7.68 14.13 18.33
C ASP A 270 7.12 12.78 17.88
N LEU A 271 5.98 12.78 17.20
CA LEU A 271 5.46 11.54 16.66
C LEU A 271 6.47 10.89 15.70
N LEU A 272 7.07 11.69 14.82
CA LEU A 272 7.97 11.13 13.81
C LEU A 272 9.28 10.63 14.42
N ARG A 273 9.78 11.28 15.47
CA ARG A 273 10.96 10.75 16.14
C ARG A 273 10.69 9.40 16.77
N ASN A 274 9.45 9.14 17.18
CA ASN A 274 9.11 7.85 17.75
C ASN A 274 8.76 6.79 16.72
N LEU A 275 8.32 7.20 15.52
CA LEU A 275 8.12 6.25 14.43
C LEU A 275 9.43 5.97 13.70
N LEU A 276 10.20 7.01 13.42
CA LEU A 276 11.48 6.85 12.73
C LEU A 276 12.60 6.55 13.71
N GLN A 277 12.33 5.60 14.59
CA GLN A 277 13.25 5.19 15.64
C GLN A 277 14.01 3.96 15.17
N VAL A 278 15.33 4.07 15.08
CA VAL A 278 16.13 2.94 14.59
C VAL A 278 16.11 1.79 15.59
N ASP A 279 15.93 2.09 16.88
CA ASP A 279 15.94 1.10 17.95
C ASP A 279 14.55 0.46 18.03
N LEU A 280 14.45 -0.79 17.59
CA LEU A 280 13.19 -1.54 17.66
C LEU A 280 12.56 -1.51 19.04
N THR A 281 13.38 -1.46 20.09
CA THR A 281 12.87 -1.48 21.46
C THR A 281 12.27 -0.15 21.87
N LYS A 282 12.34 0.86 21.02
CA LYS A 282 11.75 2.16 21.30
C LYS A 282 10.74 2.62 20.26
N ARG A 283 10.52 1.86 19.19
CA ARG A 283 9.73 2.37 18.07
C ARG A 283 8.23 2.26 18.36
N PHE A 284 7.53 3.38 18.27
CA PHE A 284 6.09 3.40 18.43
C PHE A 284 5.42 2.39 17.49
N GLY A 285 4.40 1.71 18.00
CA GLY A 285 3.80 0.60 17.31
C GLY A 285 4.40 -0.74 17.66
N ASN A 286 5.59 -0.76 18.27
CA ASN A 286 6.25 -1.99 18.66
C ASN A 286 6.47 -2.08 20.17
N LEU A 287 5.85 -1.21 20.96
CA LEU A 287 6.00 -1.20 22.40
C LEU A 287 4.83 -1.93 23.06
N LYS A 288 4.76 -1.88 24.40
CA LYS A 288 3.75 -2.66 25.12
C LYS A 288 2.34 -2.25 24.71
N ASN A 289 2.12 -0.95 24.48
CA ASN A 289 0.81 -0.44 24.09
C ASN A 289 0.49 -0.61 22.61
N GLY A 290 1.38 -1.22 21.83
CA GLY A 290 1.08 -1.49 20.44
C GLY A 290 0.69 -0.22 19.69
N VAL A 291 -0.37 -0.30 18.89
CA VAL A 291 -0.80 0.84 18.09
C VAL A 291 -1.34 1.99 18.95
N ASN A 292 -1.66 1.72 20.22
CA ASN A 292 -2.27 2.78 21.02
C ASN A 292 -1.28 3.87 21.41
N ASP A 293 0.02 3.59 21.39
CA ASP A 293 1.00 4.68 21.50
C ASP A 293 0.87 5.65 20.34
N ILE A 294 0.42 5.17 19.17
CA ILE A 294 0.22 6.05 18.03
C ILE A 294 -1.14 6.73 18.11
N LYS A 295 -2.20 5.96 18.33
CA LYS A 295 -3.54 6.51 18.30
C LYS A 295 -3.75 7.56 19.39
N ASN A 296 -3.06 7.43 20.53
CA ASN A 296 -3.18 8.38 21.62
C ASN A 296 -2.13 9.48 21.60
N HIS A 297 -1.29 9.54 20.58
CA HIS A 297 -0.30 10.62 20.50
C HIS A 297 -0.99 11.96 20.28
N LYS A 298 -0.40 13.02 20.86
CA LYS A 298 -1.02 14.35 20.78
C LYS A 298 -1.30 14.78 19.35
N TRP A 299 -0.47 14.38 18.39
CA TRP A 299 -0.72 14.78 17.00
C TRP A 299 -2.07 14.25 16.49
N PHE A 300 -2.55 13.14 17.05
CA PHE A 300 -3.84 12.55 16.68
C PHE A 300 -4.97 12.93 17.65
N ALA A 301 -4.78 13.96 18.48
CA ALA A 301 -5.73 14.20 19.56
C ALA A 301 -7.12 14.58 19.04
N THR A 302 -7.21 15.15 17.85
CA THR A 302 -8.49 15.52 17.27
C THR A 302 -9.08 14.43 16.38
N THR A 303 -8.37 13.32 16.19
CA THR A 303 -8.82 12.29 15.26
C THR A 303 -9.90 11.44 15.92
N ASP A 304 -11.07 11.37 15.27
CA ASP A 304 -12.17 10.52 15.70
C ASP A 304 -12.03 9.20 14.95
N TRP A 305 -11.41 8.21 15.60
CA TRP A 305 -11.04 6.97 14.90
C TRP A 305 -12.26 6.26 14.34
N ILE A 306 -13.37 6.25 15.09
CA ILE A 306 -14.58 5.59 14.59
C ILE A 306 -15.13 6.34 13.39
N ALA A 307 -15.21 7.68 13.48
CA ALA A 307 -15.71 8.48 12.37
C ALA A 307 -14.88 8.27 11.11
N ILE A 308 -13.57 8.12 11.27
CA ILE A 308 -12.71 7.84 10.12
C ILE A 308 -13.08 6.50 9.49
N TYR A 309 -13.18 5.46 10.34
CA TYR A 309 -13.58 4.14 9.87
C TYR A 309 -14.90 4.17 9.13
N GLN A 310 -15.88 4.89 9.68
CA GLN A 310 -17.21 5.01 9.07
C GLN A 310 -17.26 5.99 7.91
N ARG A 311 -16.13 6.62 7.55
N ARG A 311 -16.13 6.62 7.57
CA ARG A 311 -16.06 7.57 6.45
CA ARG A 311 -16.05 7.57 6.47
C ARG A 311 -16.99 8.76 6.66
C ARG A 311 -17.00 8.75 6.67
N LYS A 312 -17.20 9.14 7.92
CA LYS A 312 -18.07 10.25 8.29
C LYS A 312 -17.32 11.57 8.42
N VAL A 313 -16.01 11.59 8.20
CA VAL A 313 -15.20 12.79 8.31
C VAL A 313 -15.08 13.43 6.92
N GLU A 314 -15.23 14.75 6.88
CA GLU A 314 -15.11 15.47 5.62
C GLU A 314 -13.68 15.38 5.10
N ALA A 315 -13.53 14.97 3.84
CA ALA A 315 -12.22 14.74 3.26
C ALA A 315 -11.54 16.05 2.85
N PRO A 316 -10.20 16.06 2.76
CA PRO A 316 -9.49 17.26 2.31
C PRO A 316 -9.90 17.69 0.91
N PHE A 317 -10.12 16.73 0.00
CA PHE A 317 -10.61 17.07 -1.32
C PHE A 317 -11.28 15.84 -1.91
N ILE A 318 -12.17 16.09 -2.86
CA ILE A 318 -12.83 15.05 -3.65
C ILE A 318 -12.23 15.12 -5.05
N PRO A 319 -11.64 14.03 -5.56
CA PRO A 319 -11.04 14.09 -6.89
C PRO A 319 -12.07 14.43 -7.95
N LYS A 320 -11.59 15.06 -9.02
CA LYS A 320 -12.45 15.39 -10.15
C LYS A 320 -12.92 14.12 -10.84
N PHE A 321 -14.14 14.17 -11.37
CA PHE A 321 -14.74 13.00 -12.04
C PHE A 321 -15.56 13.49 -13.22
N LYS A 322 -15.12 13.17 -14.44
CA LYS A 322 -15.90 13.53 -15.63
C LYS A 322 -17.04 12.54 -15.86
N GLY A 323 -16.82 11.27 -15.56
CA GLY A 323 -17.85 10.27 -15.69
C GLY A 323 -17.34 8.91 -15.27
N PRO A 324 -18.14 7.87 -15.51
CA PRO A 324 -17.64 6.51 -15.27
C PRO A 324 -16.59 6.13 -16.31
N GLY A 325 -15.62 5.35 -15.88
CA GLY A 325 -14.56 4.95 -16.78
C GLY A 325 -13.61 6.06 -17.18
N ASP A 326 -13.66 7.21 -16.51
CA ASP A 326 -12.73 8.29 -16.77
C ASP A 326 -11.43 8.05 -16.02
N THR A 327 -10.31 8.34 -16.69
CA THR A 327 -8.98 8.10 -16.12
C THR A 327 -8.15 9.37 -15.99
N SER A 328 -8.78 10.55 -16.03
CA SER A 328 -8.01 11.80 -16.07
C SER A 328 -7.14 12.00 -14.83
N ASN A 329 -7.43 11.30 -13.74
CA ASN A 329 -6.57 11.38 -12.56
C ASN A 329 -5.37 10.44 -12.62
N PHE A 330 -5.15 9.77 -13.75
CA PHE A 330 -4.04 8.84 -13.91
C PHE A 330 -3.16 9.27 -15.07
N ASP A 331 -1.86 8.97 -14.97
CA ASP A 331 -0.96 9.19 -16.09
C ASP A 331 -1.31 8.27 -17.25
N ASP A 332 -0.81 8.65 -18.43
CA ASP A 332 -0.90 7.81 -19.63
C ASP A 332 0.32 6.90 -19.72
N TYR A 333 0.07 5.65 -20.11
CA TYR A 333 1.11 4.64 -20.24
C TYR A 333 1.04 4.01 -21.61
N GLU A 334 2.19 3.59 -22.13
CA GLU A 334 2.21 2.89 -23.40
C GLU A 334 1.42 1.59 -23.30
N GLU A 335 0.55 1.35 -24.28
CA GLU A 335 -0.26 0.14 -24.27
C GLU A 335 0.48 -0.99 -24.95
N GLU A 336 0.34 -2.20 -24.40
CA GLU A 336 0.87 -3.41 -25.00
C GLU A 336 -0.26 -4.43 -25.13
N GLU A 337 -0.26 -5.17 -26.23
CA GLU A 337 -1.33 -6.12 -26.51
C GLU A 337 -1.16 -7.36 -25.64
N ILE A 338 -2.18 -7.68 -24.86
CA ILE A 338 -2.14 -8.84 -23.97
C ILE A 338 -2.20 -10.10 -24.81
N ARG A 339 -1.14 -10.90 -24.77
CA ARG A 339 -1.06 -12.13 -25.55
C ARG A 339 -1.14 -13.34 -24.63
N VAL A 340 -1.88 -14.34 -25.07
CA VAL A 340 -2.00 -15.58 -24.31
C VAL A 340 -1.43 -16.71 -25.15
N SEP A 341 -0.40 -17.36 -24.62
CA SEP A 341 0.28 -18.43 -25.35
CB SEP A 341 1.56 -18.82 -24.61
OG SEP A 341 2.07 -20.04 -25.11
C SEP A 341 -0.62 -19.65 -25.58
O SEP A 341 -1.59 -19.84 -24.85
P SEP A 341 3.15 -19.79 -26.28
O1P SEP A 341 4.01 -18.47 -25.98
O2P SEP A 341 2.32 -19.60 -27.65
O3P SEP A 341 4.11 -21.06 -26.35
N ILE A 342 -0.27 -20.45 -26.58
CA ILE A 342 -1.01 -21.67 -26.89
C ILE A 342 -0.67 -22.76 -25.89
N ASN A 343 0.44 -22.57 -25.16
CA ASN A 343 0.94 -23.55 -24.21
C ASN A 343 0.87 -22.99 -22.79
N GLU A 344 0.51 -23.85 -21.84
CA GLU A 344 0.47 -23.44 -20.45
C GLU A 344 1.87 -23.23 -19.90
N LYS A 345 2.12 -22.06 -19.33
CA LYS A 345 3.39 -21.73 -18.69
C LYS A 345 3.26 -21.83 -17.18
N CYS A 346 4.25 -22.45 -16.54
CA CYS A 346 4.41 -22.39 -15.08
C CYS A 346 3.15 -22.87 -14.35
N GLY A 347 2.50 -23.91 -14.88
CA GLY A 347 1.25 -24.37 -14.28
C GLY A 347 1.42 -24.87 -12.86
N LYS A 348 2.42 -25.72 -12.64
CA LYS A 348 2.68 -26.27 -11.31
C LYS A 348 2.96 -25.16 -10.29
N GLU A 349 3.75 -24.15 -10.69
CA GLU A 349 4.14 -23.12 -9.73
C GLU A 349 2.95 -22.33 -9.22
N PHE A 350 1.93 -22.13 -10.06
CA PHE A 350 0.79 -21.30 -9.71
C PHE A 350 -0.49 -22.13 -9.57
N THR A 351 -0.36 -23.42 -9.26
CA THR A 351 -1.54 -24.28 -9.21
C THR A 351 -2.59 -23.77 -8.21
N GLU A 352 -2.16 -23.15 -7.10
CA GLU A 352 -3.16 -22.74 -6.13
C GLU A 352 -3.81 -21.40 -6.46
N PHE A 353 -3.31 -20.67 -7.45
CA PHE A 353 -3.84 -19.33 -7.75
C PHE A 353 -5.27 -19.40 -8.29
N THR B 1 17.37 24.94 -0.80
CA THR B 1 16.39 24.39 0.12
C THR B 1 16.31 22.88 -0.10
N THR B 2 15.89 22.15 0.93
CA THR B 2 15.76 20.70 0.78
C THR B 2 14.73 20.34 -0.27
N TYR B 3 13.65 21.11 -0.35
CA TYR B 3 12.66 20.87 -1.41
C TYR B 3 13.30 21.04 -2.80
N ALA B 4 14.07 22.11 -2.99
CA ALA B 4 14.71 22.30 -4.28
C ALA B 4 15.65 21.13 -4.60
N ASP B 5 16.38 20.66 -3.58
CA ASP B 5 17.24 19.49 -3.79
C ASP B 5 16.41 18.27 -4.17
N PHE B 6 15.26 18.07 -3.51
CA PHE B 6 14.42 16.94 -3.88
C PHE B 6 13.96 17.04 -5.33
N ILE B 7 13.41 18.20 -5.71
CA ILE B 7 12.81 18.38 -7.03
C ILE B 7 13.85 18.20 -8.14
N ALA B 8 15.11 18.54 -7.86
CA ALA B 8 16.18 18.35 -8.83
C ALA B 8 16.76 16.94 -8.81
N SER B 9 16.33 16.09 -7.86
CA SER B 9 16.93 14.77 -7.71
C SER B 9 16.32 13.80 -8.72
N GLY B 10 16.93 12.62 -8.83
CA GLY B 10 16.38 11.58 -9.68
C GLY B 10 15.27 10.75 -9.06
N ARG B 11 14.76 11.12 -7.88
CA ARG B 11 13.84 10.26 -7.15
C ARG B 11 12.48 10.93 -6.93
N THR B 12 12.04 11.78 -7.84
CA THR B 12 10.71 12.37 -7.70
C THR B 12 9.63 11.66 -8.49
N GLY B 13 10.00 10.73 -9.38
CA GLY B 13 9.03 9.93 -10.09
C GLY B 13 8.59 8.73 -9.26
N ARG B 14 7.78 7.86 -9.87
CA ARG B 14 7.33 6.67 -9.16
C ARG B 14 8.52 5.79 -8.83
N ARG B 15 8.58 5.29 -7.61
CA ARG B 15 9.73 4.53 -7.13
C ARG B 15 9.44 3.04 -7.19
N ASN B 16 10.34 2.31 -7.86
CA ASN B 16 10.20 0.86 -7.98
C ASN B 16 10.54 0.20 -6.65
N ALA B 17 9.82 -0.87 -6.34
CA ALA B 17 10.20 -1.78 -5.28
C ALA B 17 11.55 -2.42 -5.58
N ILE B 18 12.23 -2.83 -4.51
CA ILE B 18 13.47 -3.59 -4.61
C ILE B 18 13.21 -4.99 -4.07
N HIS B 19 14.04 -5.93 -4.50
CA HIS B 19 14.01 -7.30 -4.00
C HIS B 19 15.28 -8.05 -4.42
C1 MPD C . -2.63 14.84 -14.07
C2 MPD C . -2.14 13.78 -13.09
O2 MPD C . -2.19 12.47 -13.72
CM MPD C . -0.71 14.07 -12.70
C3 MPD C . -3.03 13.73 -11.86
C4 MPD C . -3.35 15.12 -11.30
O4 MPD C . -4.75 15.31 -11.28
C5 MPD C . -2.80 15.22 -9.88
S DMS D . -16.31 -18.81 -14.64
O DMS D . -15.84 -19.29 -13.32
C1 DMS D . -17.06 -17.17 -14.46
C2 DMS D . -14.89 -18.46 -15.71
N2 O72 E . -4.92 -0.82 -8.53
N1 O72 E . -8.01 1.13 -9.06
C1 O72 E . -7.53 2.12 -9.83
C2 O72 E . -6.23 2.22 -10.21
C7 O72 E . -5.76 0.17 -8.98
C6 O72 E . -3.65 -0.74 -8.87
C5 O72 E . -3.10 0.27 -9.63
C4 O72 E . -3.92 1.25 -10.10
C3 O72 E . -5.30 1.23 -9.78
N O72 E . -7.68 -0.75 -7.81
C O72 E . -7.16 0.17 -8.62
#